data_6HUR
#
_entry.id   6HUR
#
_cell.length_a   134.000
_cell.length_b   134.000
_cell.length_c   59.700
_cell.angle_alpha   90.000
_cell.angle_beta   90.000
_cell.angle_gamma   120.000
#
_symmetry.space_group_name_H-M   'H 3'
#
loop_
_entity.id
_entity.type
_entity.pdbx_description
1 polymer 'ABC transporter substrate-binding protein'
2 branched alpha-L-fucopyranose-(1-2)-beta-D-galactopyranose-(1-4)-alpha-D-glucopyranose
3 non-polymer 2-(2-METHOXYETHOXY)ETHANOL
4 non-polymer beta-D-glucopyranose
5 non-polymer 'ZINC ION'
6 non-polymer '2-(N-MORPHOLINO)-ETHANESULFONIC ACID'
7 water water
#
_entity_poly.entity_id   1
_entity_poly.type   'polypeptide(L)'
_entity_poly.pdbx_seq_one_letter_code
;KSDVTAQDVENALTDTSKNVELTVWAYSAKQMEPTVKAFEKKYPHIKINFVNTGAAEDHFTKFQNVVQAQKDIPDVVQMS
ANKFQQFAVSGALLNFANDSIEKAWSKLYTKTAWAQVHYAGGLYGAPQDATPLANYVRKDILDEHNLQVPESWEDIYNEG
IKLHKEDSNKYMGILGSDISFFTNLYRSVGARLWKVNSVDDVELTMNSGKAKEFTEFLQKCLKDGVLEGGTVFTDEFNRS
INDGRYATFINENWMGNTYKEQNPSLKGKMVVAAPPSWKGQPYQSSSVGSMMSVSAACPKEKQAAALAFINWLDSDKDAI
QSWQDTNNGNFFMAASVYQDDENQRNKKETDGYYANDDVNAVYFDSMDKVNTDWEYLPFMSQVEVVFNDVIVPEMNENGD
LVGAMAKAQQKLKAYAEDNGFKVTTDAD
;
_entity_poly.pdbx_strand_id   A
#
loop_
_chem_comp.id
_chem_comp.type
_chem_comp.name
_chem_comp.formula
BGC D-saccharide, beta linking beta-D-glucopyranose 'C6 H12 O6'
FUC L-saccharide, alpha linking alpha-L-fucopyranose 'C6 H12 O5'
GAL D-saccharide, beta linking beta-D-galactopyranose 'C6 H12 O6'
GLC D-saccharide, alpha linking alpha-D-glucopyranose 'C6 H12 O6'
MES non-polymer '2-(N-MORPHOLINO)-ETHANESULFONIC ACID' 'C6 H13 N O4 S'
PG0 non-polymer 2-(2-METHOXYETHOXY)ETHANOL 'C5 H12 O3'
ZN non-polymer 'ZINC ION' 'Zn 2'
#
# COMPACT_ATOMS: atom_id res chain seq x y z
N LYS A 1 20.57 1.08 -20.57
CA LYS A 1 20.23 2.37 -20.00
C LYS A 1 19.21 3.06 -20.91
N SER A 2 18.12 3.55 -20.32
CA SER A 2 17.05 4.12 -21.13
C SER A 2 17.45 5.45 -21.72
N ASP A 3 17.30 5.58 -23.03
CA ASP A 3 17.58 6.84 -23.69
C ASP A 3 16.31 7.64 -23.97
N VAL A 4 15.18 7.24 -23.40
CA VAL A 4 13.95 8.02 -23.54
C VAL A 4 14.01 9.18 -22.54
N THR A 5 14.17 10.39 -23.03
CA THR A 5 14.33 11.54 -22.16
C THR A 5 13.00 12.14 -21.76
N ALA A 6 13.03 13.01 -20.76
CA ALA A 6 11.85 13.76 -20.37
C ALA A 6 11.26 14.51 -21.56
N GLN A 7 12.12 15.08 -22.41
CA GLN A 7 11.66 15.75 -23.61
C GLN A 7 10.99 14.77 -24.57
N ASP A 8 11.56 13.58 -24.76
CA ASP A 8 10.95 12.59 -25.63
C ASP A 8 9.55 12.21 -25.14
N VAL A 9 9.38 12.11 -23.83
CA VAL A 9 8.08 11.81 -23.25
C VAL A 9 7.08 12.90 -23.62
N GLU A 10 7.46 14.17 -23.42
CA GLU A 10 6.56 15.26 -23.74
C GLU A 10 6.25 15.29 -25.23
N ASN A 11 7.23 14.96 -26.07
CA ASN A 11 6.97 14.94 -27.50
C ASN A 11 5.91 13.92 -27.89
N ALA A 12 5.76 12.81 -27.15
CA ALA A 12 4.73 11.85 -27.49
C ALA A 12 3.34 12.47 -27.39
N LEU A 13 3.17 13.44 -26.49
CA LEU A 13 1.88 14.13 -26.35
C LEU A 13 1.69 15.24 -27.37
N THR A 14 2.75 15.97 -27.72
CA THR A 14 2.62 17.08 -28.66
C THR A 14 2.60 16.60 -30.10
N ASP A 15 3.22 15.46 -30.40
CA ASP A 15 3.29 14.97 -31.77
C ASP A 15 2.04 14.15 -32.06
N THR A 16 0.93 14.88 -32.28
CA THR A 16 -0.37 14.23 -32.37
C THR A 16 -0.59 13.50 -33.69
N SER A 17 0.30 13.64 -34.67
CA SER A 17 0.21 12.84 -35.88
C SER A 17 0.73 11.42 -35.67
N LYS A 18 1.34 11.14 -34.54
CA LYS A 18 1.94 9.84 -34.25
C LYS A 18 0.97 9.08 -33.36
N ASN A 19 0.05 8.35 -34.00
CA ASN A 19 -0.97 7.62 -33.26
C ASN A 19 -0.35 6.41 -32.56
N VAL A 20 -0.80 6.18 -31.34
CA VAL A 20 -0.30 5.07 -30.54
C VAL A 20 -1.48 4.35 -29.90
N GLU A 21 -1.34 3.04 -29.76
CA GLU A 21 -2.26 2.19 -29.03
C GLU A 21 -1.51 1.64 -27.83
N LEU A 22 -2.01 1.90 -26.63
CA LEU A 22 -1.43 1.34 -25.40
C LEU A 22 -2.42 0.42 -24.71
N THR A 23 -1.98 -0.78 -24.36
CA THR A 23 -2.76 -1.67 -23.50
C THR A 23 -2.32 -1.46 -22.06
N VAL A 24 -3.27 -1.14 -21.20
CA VAL A 24 -3.05 -0.79 -19.80
C VAL A 24 -3.82 -1.78 -18.95
N TRP A 25 -3.14 -2.46 -18.03
CA TRP A 25 -3.77 -3.37 -17.09
C TRP A 25 -3.83 -2.73 -15.71
N ALA A 26 -5.00 -2.78 -15.07
CA ALA A 26 -5.14 -2.20 -13.75
C ALA A 26 -6.16 -3.01 -12.93
N TYR A 27 -5.82 -3.21 -11.66
CA TYR A 27 -6.72 -3.80 -10.69
C TYR A 27 -7.56 -2.77 -9.96
N SER A 28 -7.12 -1.53 -9.88
CA SER A 28 -7.93 -0.48 -9.23
C SER A 28 -8.74 0.30 -10.24
N ALA A 29 -9.49 -0.46 -11.04
CA ALA A 29 -10.21 0.14 -12.15
C ALA A 29 -11.29 1.10 -11.69
N LYS A 30 -12.01 0.77 -10.61
CA LYS A 30 -13.07 1.67 -10.14
C LYS A 30 -12.52 3.06 -9.89
N GLN A 31 -11.36 3.15 -9.23
CA GLN A 31 -10.86 4.44 -8.78
C GLN A 31 -10.15 5.18 -9.91
N MET A 32 -9.57 4.46 -10.86
CA MET A 32 -8.66 5.02 -11.85
C MET A 32 -9.29 5.25 -13.20
N GLU A 33 -10.27 4.44 -13.60
CA GLU A 33 -10.70 4.44 -15.00
C GLU A 33 -11.26 5.78 -15.44
N PRO A 34 -12.03 6.50 -14.65
CA PRO A 34 -12.54 7.79 -15.16
C PRO A 34 -11.42 8.76 -15.55
N THR A 35 -10.31 8.75 -14.82
CA THR A 35 -9.20 9.63 -15.17
C THR A 35 -8.45 9.10 -16.39
N VAL A 36 -8.41 7.78 -16.59
CA VAL A 36 -7.89 7.23 -17.84
C VAL A 36 -8.72 7.74 -19.02
N LYS A 37 -10.04 7.72 -18.88
CA LYS A 37 -10.89 8.24 -19.95
C LYS A 37 -10.61 9.71 -20.20
N ALA A 38 -10.35 10.48 -19.15
CA ALA A 38 -10.00 11.90 -19.33
C ALA A 38 -8.70 12.06 -20.12
N PHE A 39 -7.72 11.19 -19.88
CA PHE A 39 -6.51 11.21 -20.70
C PHE A 39 -6.85 11.04 -22.17
N GLU A 40 -7.71 10.06 -22.48
CA GLU A 40 -7.99 9.75 -23.88
C GLU A 40 -8.73 10.88 -24.55
N LYS A 41 -9.61 11.56 -23.83
CA LYS A 41 -10.32 12.70 -24.37
C LYS A 41 -9.34 13.82 -24.70
N LYS A 42 -8.34 14.03 -23.86
CA LYS A 42 -7.39 15.11 -24.05
C LYS A 42 -6.38 14.80 -25.13
N TYR A 43 -6.00 13.53 -25.28
CA TYR A 43 -4.99 13.10 -26.25
C TYR A 43 -5.57 12.00 -27.13
N PRO A 44 -6.45 12.36 -28.07
CA PRO A 44 -7.13 11.32 -28.85
C PRO A 44 -6.20 10.51 -29.76
N HIS A 45 -4.99 10.96 -30.00
CA HIS A 45 -4.04 10.17 -30.78
C HIS A 45 -3.42 9.02 -29.98
N ILE A 46 -3.59 8.97 -28.66
CA ILE A 46 -3.05 7.88 -27.84
C ILE A 46 -4.27 7.13 -27.32
N LYS A 47 -4.58 6.01 -27.96
CA LYS A 47 -5.75 5.23 -27.59
C LYS A 47 -5.39 4.25 -26.49
N ILE A 48 -6.24 4.17 -25.47
CA ILE A 48 -5.97 3.31 -24.32
C ILE A 48 -6.93 2.14 -24.36
N ASN A 49 -6.38 0.94 -24.44
CA ASN A 49 -7.11 -0.30 -24.27
C ASN A 49 -6.99 -0.65 -22.80
N PHE A 50 -8.00 -0.27 -22.03
CA PHE A 50 -7.95 -0.39 -20.57
C PHE A 50 -8.53 -1.73 -20.16
N VAL A 51 -7.72 -2.53 -19.50
CA VAL A 51 -8.09 -3.87 -19.08
C VAL A 51 -8.21 -3.88 -17.56
N ASN A 52 -9.42 -4.16 -17.06
CA ASN A 52 -9.68 -4.34 -15.64
C ASN A 52 -9.35 -5.79 -15.30
N THR A 53 -8.28 -5.99 -14.55
CA THR A 53 -7.78 -7.32 -14.24
C THR A 53 -8.41 -7.92 -12.98
N GLY A 54 -9.36 -7.22 -12.37
CA GLY A 54 -10.07 -7.76 -11.22
C GLY A 54 -9.27 -7.50 -9.96
N ALA A 55 -9.12 -8.54 -9.15
CA ALA A 55 -8.43 -8.38 -7.88
C ALA A 55 -6.92 -8.33 -8.06
N ALA A 56 -6.24 -7.63 -7.15
CA ALA A 56 -4.80 -7.51 -7.27
C ALA A 56 -4.09 -8.86 -7.36
N GLU A 57 -4.50 -9.84 -6.54
CA GLU A 57 -3.81 -11.13 -6.55
C GLU A 57 -3.88 -11.75 -7.93
N ASP A 58 -5.03 -11.63 -8.59
CA ASP A 58 -5.16 -12.18 -9.94
C ASP A 58 -4.34 -11.39 -10.95
N HIS A 59 -4.34 -10.07 -10.83
CA HIS A 59 -3.53 -9.20 -11.68
C HIS A 59 -2.06 -9.58 -11.66
N PHE A 60 -1.47 -9.74 -10.47
CA PHE A 60 -0.04 -10.02 -10.41
C PHE A 60 0.27 -11.41 -10.97
N THR A 61 -0.60 -12.39 -10.71
CA THR A 61 -0.41 -13.72 -11.31
C THR A 61 -0.51 -13.65 -12.83
N LYS A 62 -1.51 -12.93 -13.35
CA LYS A 62 -1.66 -12.81 -14.80
C LYS A 62 -0.45 -12.13 -15.43
N PHE A 63 0.07 -11.11 -14.77
CA PHE A 63 1.22 -10.41 -15.33
C PHE A 63 2.47 -11.29 -15.33
N GLN A 64 2.73 -12.00 -14.23
CA GLN A 64 3.84 -12.94 -14.24
C GLN A 64 3.69 -13.97 -15.35
N ASN A 65 2.45 -14.43 -15.59
CA ASN A 65 2.24 -15.45 -16.60
CA ASN A 65 2.24 -15.46 -16.61
C ASN A 65 2.60 -14.96 -17.99
N VAL A 66 2.15 -13.75 -18.34
CA VAL A 66 2.46 -13.23 -19.68
C VAL A 66 3.94 -12.90 -19.81
N VAL A 67 4.57 -12.41 -18.75
CA VAL A 67 5.98 -12.09 -18.83
C VAL A 67 6.80 -13.36 -19.04
N GLN A 68 6.48 -14.42 -18.30
CA GLN A 68 7.22 -15.66 -18.44
C GLN A 68 7.06 -16.22 -19.85
N ALA A 69 5.88 -16.07 -20.44
CA ALA A 69 5.62 -16.55 -21.79
C ALA A 69 6.24 -15.64 -22.84
N GLN A 70 6.53 -14.39 -22.50
CA GLN A 70 7.05 -13.40 -23.45
C GLN A 70 6.05 -13.12 -24.56
N LYS A 71 4.77 -13.13 -24.22
CA LYS A 71 3.68 -13.02 -25.18
C LYS A 71 2.52 -12.30 -24.52
N ASP A 72 1.87 -11.39 -25.24
CA ASP A 72 0.64 -10.74 -24.80
C ASP A 72 0.83 -9.94 -23.52
N ILE A 73 1.97 -9.26 -23.40
CA ILE A 73 2.34 -8.46 -22.24
C ILE A 73 1.77 -7.06 -22.42
N PRO A 74 1.06 -6.51 -21.42
CA PRO A 74 0.57 -5.13 -21.54
C PRO A 74 1.73 -4.15 -21.64
N ASP A 75 1.45 -3.00 -22.26
CA ASP A 75 2.44 -1.93 -22.35
C ASP A 75 2.62 -1.24 -21.00
N VAL A 76 1.53 -1.04 -20.25
CA VAL A 76 1.52 -0.35 -18.98
C VAL A 76 0.75 -1.24 -18.00
N VAL A 77 1.25 -1.32 -16.78
CA VAL A 77 0.73 -2.24 -15.77
C VAL A 77 0.75 -1.56 -14.41
N GLN A 78 -0.36 -1.64 -13.68
CA GLN A 78 -0.39 -1.16 -12.32
C GLN A 78 0.51 -2.05 -11.49
N MET A 79 1.27 -1.41 -10.62
CA MET A 79 2.17 -2.06 -9.69
C MET A 79 1.86 -1.46 -8.33
N SER A 80 2.50 -1.95 -7.29
CA SER A 80 2.43 -1.26 -6.03
C SER A 80 3.81 -1.23 -5.41
N ALA A 81 3.98 -0.31 -4.47
CA ALA A 81 5.30 -0.05 -3.93
C ALA A 81 5.85 -1.20 -3.09
N ASN A 82 5.04 -2.20 -2.71
CA ASN A 82 5.55 -3.36 -1.99
C ASN A 82 5.37 -4.67 -2.74
N LYS A 83 4.98 -4.63 -4.01
CA LYS A 83 4.85 -5.82 -4.82
C LYS A 83 5.62 -5.76 -6.11
N PHE A 84 6.15 -4.61 -6.50
CA PHE A 84 6.83 -4.54 -7.79
C PHE A 84 8.24 -5.10 -7.78
N GLN A 85 8.83 -5.29 -6.59
CA GLN A 85 10.26 -5.55 -6.51
C GLN A 85 10.66 -6.78 -7.32
N GLN A 86 9.94 -7.88 -7.16
CA GLN A 86 10.33 -9.13 -7.81
C GLN A 86 10.18 -9.02 -9.30
N PHE A 87 9.26 -8.17 -9.78
CA PHE A 87 9.09 -7.93 -11.20
C PHE A 87 10.23 -7.06 -11.73
N ALA A 88 10.64 -6.06 -10.95
CA ALA A 88 11.76 -5.22 -11.35
C ALA A 88 13.05 -6.03 -11.41
N VAL A 89 13.29 -6.86 -10.41
CA VAL A 89 14.56 -7.57 -10.33
C VAL A 89 14.64 -8.66 -11.39
N SER A 90 13.50 -9.22 -11.81
CA SER A 90 13.47 -10.27 -12.82
C SER A 90 13.45 -9.73 -14.24
N GLY A 91 13.40 -8.41 -14.43
CA GLY A 91 13.43 -7.82 -15.75
C GLY A 91 12.08 -7.68 -16.42
N ALA A 92 10.98 -7.81 -15.67
CA ALA A 92 9.65 -7.69 -16.26
C ALA A 92 9.25 -6.25 -16.55
N LEU A 93 9.87 -5.29 -15.86
CA LEU A 93 9.48 -3.88 -15.90
C LEU A 93 10.60 -3.07 -16.51
N LEU A 94 10.23 -2.05 -17.28
CA LEU A 94 11.21 -1.15 -17.85
C LEU A 94 11.83 -0.29 -16.76
N ASN A 95 13.16 -0.27 -16.72
CA ASN A 95 13.90 0.65 -15.87
C ASN A 95 14.09 1.89 -16.72
N PHE A 96 13.30 2.93 -16.46
CA PHE A 96 13.33 4.13 -17.28
C PHE A 96 14.17 5.23 -16.66
N ALA A 97 15.02 4.89 -15.69
CA ALA A 97 15.91 5.87 -15.10
C ALA A 97 16.80 6.51 -16.15
N ASN A 98 16.90 7.82 -16.09
CA ASN A 98 17.96 8.58 -16.74
C ASN A 98 17.92 9.96 -16.13
N ASP A 99 18.97 10.74 -16.40
CA ASP A 99 19.15 12.01 -15.71
C ASP A 99 17.99 12.96 -15.94
N SER A 100 17.48 13.02 -17.18
CA SER A 100 16.46 14.03 -17.47
C SER A 100 15.11 13.66 -16.86
N ILE A 101 14.77 12.37 -16.87
CA ILE A 101 13.55 11.93 -16.19
C ILE A 101 13.67 12.17 -14.69
N GLU A 102 14.81 11.80 -14.13
CA GLU A 102 15.00 11.97 -12.69
C GLU A 102 14.87 13.44 -12.32
N LYS A 103 15.49 14.33 -13.08
CA LYS A 103 15.45 15.76 -12.77
C LYS A 103 14.03 16.29 -12.87
N ALA A 104 13.30 15.92 -13.91
CA ALA A 104 11.97 16.47 -14.12
C ALA A 104 10.94 15.80 -13.22
N TRP A 105 10.87 14.47 -13.23
CA TRP A 105 9.77 13.85 -12.51
C TRP A 105 9.95 13.87 -11.00
N SER A 106 11.20 13.96 -10.49
CA SER A 106 11.38 14.00 -9.05
C SER A 106 10.69 15.21 -8.42
N LYS A 107 10.50 16.30 -9.20
CA LYS A 107 9.81 17.48 -8.73
C LYS A 107 8.30 17.31 -8.69
N LEU A 108 7.77 16.25 -9.33
CA LEU A 108 6.34 16.08 -9.49
C LEU A 108 5.72 15.20 -8.41
N TYR A 109 6.52 14.45 -7.67
CA TYR A 109 6.03 13.48 -6.70
C TYR A 109 6.67 13.71 -5.36
N THR A 110 5.90 13.57 -4.29
CA THR A 110 6.44 13.79 -2.95
C THR A 110 7.56 12.79 -2.68
N LYS A 111 8.57 13.23 -1.93
CA LYS A 111 9.84 12.51 -1.89
C LYS A 111 9.69 11.11 -1.32
N THR A 112 8.81 10.92 -0.33
CA THR A 112 8.64 9.58 0.21
C THR A 112 8.14 8.61 -0.86
N ALA A 113 7.22 9.06 -1.71
CA ALA A 113 6.68 8.20 -2.74
C ALA A 113 7.67 7.99 -3.88
N TRP A 114 8.40 9.05 -4.24
CA TRP A 114 9.40 8.97 -5.30
C TRP A 114 10.50 7.99 -4.95
N ALA A 115 10.97 7.99 -3.69
CA ALA A 115 12.00 7.03 -3.32
C ALA A 115 11.52 5.59 -3.54
N GLN A 116 10.26 5.34 -3.27
CA GLN A 116 9.76 3.97 -3.24
C GLN A 116 9.51 3.37 -4.60
N VAL A 117 9.49 4.17 -5.67
CA VAL A 117 9.36 3.62 -7.02
C VAL A 117 10.71 3.32 -7.65
N HIS A 118 11.81 3.59 -6.93
CA HIS A 118 13.14 3.15 -7.31
C HIS A 118 13.41 1.78 -6.72
N TYR A 119 14.26 1.02 -7.39
CA TYR A 119 14.77 -0.19 -6.78
C TYR A 119 16.09 -0.56 -7.42
N ALA A 120 17.08 -0.83 -6.58
CA ALA A 120 18.42 -1.20 -7.04
C ALA A 120 18.96 -0.21 -8.07
N GLY A 121 18.67 1.06 -7.87
CA GLY A 121 19.16 2.11 -8.73
C GLY A 121 18.39 2.31 -10.00
N GLY A 122 17.36 1.52 -10.23
CA GLY A 122 16.45 1.71 -11.35
C GLY A 122 15.20 2.47 -10.91
N LEU A 123 14.48 2.98 -11.90
CA LEU A 123 13.24 3.71 -11.70
C LEU A 123 12.14 2.96 -12.44
N TYR A 124 11.09 2.55 -11.72
CA TYR A 124 10.16 1.56 -12.26
C TYR A 124 8.70 1.99 -12.31
N GLY A 125 8.35 3.19 -11.90
CA GLY A 125 6.98 3.62 -12.09
C GLY A 125 6.78 5.04 -11.67
N ALA A 126 5.61 5.56 -12.05
CA ALA A 126 5.13 6.82 -11.51
C ALA A 126 4.25 6.53 -10.32
N PRO A 127 4.52 7.12 -9.14
CA PRO A 127 3.65 6.90 -7.98
C PRO A 127 2.24 7.39 -8.25
N GLN A 128 1.25 6.64 -7.75
CA GLN A 128 -0.16 6.99 -7.94
C GLN A 128 -0.67 7.58 -6.63
N ASP A 129 -1.30 6.78 -5.79
CA ASP A 129 -1.73 7.23 -4.47
C ASP A 129 -0.63 6.97 -3.45
N ALA A 130 -0.63 7.78 -2.39
CA ALA A 130 0.06 7.45 -1.15
C ALA A 130 -1.00 6.88 -0.21
N THR A 131 -0.53 6.06 0.75
CA THR A 131 -1.48 5.34 1.57
C THR A 131 -1.09 5.39 3.05
N PRO A 132 -0.87 6.57 3.61
CA PRO A 132 -0.54 6.64 5.03
C PRO A 132 -1.61 5.91 5.84
N LEU A 133 -1.16 5.28 6.92
CA LEU A 133 -2.12 4.55 7.74
C LEU A 133 -3.03 5.50 8.52
N ALA A 134 -4.26 5.08 8.72
CA ALA A 134 -5.20 5.75 9.60
C ALA A 134 -5.87 4.67 10.43
N ASN A 135 -6.33 5.06 11.60
CA ASN A 135 -7.11 4.18 12.46
C ASN A 135 -8.57 4.58 12.29
N TYR A 136 -9.35 3.71 11.66
CA TYR A 136 -10.78 3.94 11.47
C TYR A 136 -11.48 3.36 12.69
N VAL A 137 -12.02 4.24 13.52
CA VAL A 137 -12.47 3.89 14.88
C VAL A 137 -13.98 4.01 14.93
N ARG A 138 -14.64 2.95 15.40
CA ARG A 138 -16.08 2.98 15.68
C ARG A 138 -16.27 3.69 17.02
N LYS A 139 -16.42 5.01 16.93
CA LYS A 139 -16.55 5.85 18.11
C LYS A 139 -17.82 5.52 18.87
N ASP A 140 -18.85 5.11 18.15
CA ASP A 140 -20.09 4.72 18.83
C ASP A 140 -19.86 3.54 19.77
N ILE A 141 -19.11 2.53 19.30
CA ILE A 141 -18.82 1.37 20.13
C ILE A 141 -17.95 1.74 21.30
N LEU A 142 -16.92 2.55 21.07
CA LEU A 142 -16.04 2.94 22.18
C LEU A 142 -16.82 3.75 23.20
N ASP A 143 -17.63 4.70 22.75
CA ASP A 143 -18.45 5.49 23.66
C ASP A 143 -19.33 4.60 24.53
N GLU A 144 -19.96 3.60 23.91
CA GLU A 144 -20.83 2.68 24.66
C GLU A 144 -20.11 2.01 25.80
N HIS A 145 -18.81 1.75 25.64
CA HIS A 145 -18.01 1.04 26.62
C HIS A 145 -17.10 1.96 27.44
N ASN A 146 -17.32 3.26 27.34
CA ASN A 146 -16.57 4.24 28.13
C ASN A 146 -15.08 4.19 27.81
N LEU A 147 -14.75 3.98 26.54
CA LEU A 147 -13.38 3.82 26.08
C LEU A 147 -12.99 5.02 25.23
N GLN A 148 -11.74 5.43 25.35
CA GLN A 148 -11.20 6.56 24.60
C GLN A 148 -10.72 6.10 23.22
N VAL A 149 -10.76 7.02 22.27
CA VAL A 149 -10.07 6.77 21.00
C VAL A 149 -8.60 6.48 21.31
N PRO A 150 -8.09 5.31 20.95
CA PRO A 150 -6.73 4.95 21.39
C PRO A 150 -5.66 5.65 20.57
N GLU A 151 -4.61 6.10 21.27
CA GLU A 151 -3.49 6.75 20.62
C GLU A 151 -2.24 5.88 20.57
N SER A 152 -2.22 4.77 21.31
CA SER A 152 -1.05 3.91 21.39
C SER A 152 -1.48 2.46 21.35
N TRP A 153 -0.51 1.61 21.06
CA TRP A 153 -0.74 0.16 21.12
C TRP A 153 -1.04 -0.29 22.54
N GLU A 154 -0.42 0.36 23.52
CA GLU A 154 -0.73 0.08 24.92
C GLU A 154 -2.20 0.34 25.19
N ASP A 155 -2.74 1.44 24.65
CA ASP A 155 -4.16 1.71 24.81
C ASP A 155 -5.00 0.66 24.13
N ILE A 156 -4.60 0.25 22.93
CA ILE A 156 -5.35 -0.77 22.21
C ILE A 156 -5.46 -2.03 23.06
N TYR A 157 -4.35 -2.44 23.69
CA TYR A 157 -4.38 -3.61 24.56
C TYR A 157 -5.28 -3.38 25.78
N ASN A 158 -5.04 -2.31 26.53
CA ASN A 158 -5.77 -2.17 27.78
C ASN A 158 -7.26 -1.94 27.54
N GLU A 159 -7.60 -1.11 26.56
CA GLU A 159 -9.00 -0.88 26.25
C GLU A 159 -9.63 -2.10 25.58
N GLY A 160 -8.84 -2.82 24.78
CA GLY A 160 -9.37 -3.99 24.10
C GLY A 160 -9.75 -5.10 25.06
N ILE A 161 -8.97 -5.27 26.13
CA ILE A 161 -9.35 -6.23 27.15
C ILE A 161 -10.72 -5.89 27.70
N LYS A 162 -10.90 -4.63 28.09
CA LYS A 162 -12.18 -4.21 28.65
CA LYS A 162 -12.18 -4.21 28.65
C LYS A 162 -13.32 -4.42 27.66
N LEU A 163 -13.11 -4.01 26.40
CA LEU A 163 -14.16 -4.15 25.40
C LEU A 163 -14.61 -5.59 25.27
N HIS A 164 -13.65 -6.51 25.13
CA HIS A 164 -13.98 -7.90 24.80
C HIS A 164 -14.52 -8.64 26.01
N LYS A 165 -14.12 -8.25 27.21
CA LYS A 165 -14.74 -8.80 28.41
C LYS A 165 -16.19 -8.35 28.53
N GLU A 166 -16.48 -7.11 28.18
CA GLU A 166 -17.84 -6.59 28.27
C GLU A 166 -18.71 -7.00 27.11
N ASP A 167 -18.12 -7.28 25.94
CA ASP A 167 -18.86 -7.61 24.72
C ASP A 167 -17.99 -8.59 23.92
N SER A 168 -18.20 -9.88 24.14
CA SER A 168 -17.32 -10.86 23.53
C SER A 168 -17.59 -11.06 22.05
N ASN A 169 -18.56 -10.35 21.49
CA ASN A 169 -18.79 -10.35 20.06
CA ASN A 169 -18.78 -10.34 20.05
C ASN A 169 -18.02 -9.25 19.34
N LYS A 170 -17.24 -8.45 20.05
CA LYS A 170 -16.45 -7.41 19.45
C LYS A 170 -15.01 -7.50 19.94
N TYR A 171 -14.11 -7.10 19.06
CA TYR A 171 -12.69 -7.03 19.34
C TYR A 171 -12.19 -5.62 19.09
N MET A 172 -11.11 -5.28 19.77
CA MET A 172 -10.55 -3.96 19.58
C MET A 172 -10.03 -3.78 18.16
N GLY A 173 -9.48 -4.83 17.56
CA GLY A 173 -8.99 -4.73 16.20
C GLY A 173 -8.80 -6.11 15.58
N ILE A 174 -8.47 -6.09 14.30
CA ILE A 174 -8.14 -7.29 13.54
C ILE A 174 -6.65 -7.30 13.29
N LEU A 175 -6.05 -8.48 13.36
CA LEU A 175 -4.70 -8.72 12.86
C LEU A 175 -4.92 -9.38 11.52
N GLY A 176 -4.79 -8.60 10.44
CA GLY A 176 -5.16 -9.09 9.14
C GLY A 176 -4.10 -9.98 8.51
N SER A 177 -4.55 -11.09 7.93
CA SER A 177 -3.66 -12.05 7.30
C SER A 177 -3.35 -11.65 5.86
N ASP A 178 -2.71 -10.49 5.74
CA ASP A 178 -2.37 -9.90 4.45
C ASP A 178 -0.98 -9.29 4.61
N ILE A 179 -0.11 -9.51 3.63
CA ILE A 179 1.28 -9.10 3.76
C ILE A 179 1.40 -7.59 3.91
N SER A 180 0.59 -6.82 3.20
CA SER A 180 0.65 -5.37 3.34
C SER A 180 0.18 -4.95 4.72
N PHE A 181 -0.98 -5.46 5.15
CA PHE A 181 -1.52 -5.10 6.43
C PHE A 181 -0.50 -5.37 7.53
N PHE A 182 0.08 -6.57 7.50
CA PHE A 182 1.00 -7.02 8.55
C PHE A 182 2.30 -6.25 8.55
N THR A 183 2.97 -6.16 7.40
CA THR A 183 4.22 -5.41 7.35
C THR A 183 4.00 -3.93 7.64
N ASN A 184 2.84 -3.40 7.27
CA ASN A 184 2.58 -2.00 7.56
C ASN A 184 2.61 -1.74 9.06
N LEU A 185 2.14 -2.68 9.88
CA LEU A 185 2.15 -2.47 11.32
C LEU A 185 3.58 -2.42 11.84
N TYR A 186 4.43 -3.35 11.41
CA TYR A 186 5.84 -3.34 11.83
C TYR A 186 6.52 -2.05 11.38
N ARG A 187 6.34 -1.66 10.12
CA ARG A 187 6.97 -0.45 9.61
C ARG A 187 6.53 0.75 10.41
N SER A 188 5.26 0.79 10.78
CA SER A 188 4.72 1.94 11.48
C SER A 188 5.17 2.02 12.92
N VAL A 189 5.79 0.99 13.49
CA VAL A 189 6.40 1.10 14.82
C VAL A 189 7.92 1.13 14.75
N GLY A 190 8.50 1.26 13.55
CA GLY A 190 9.95 1.32 13.44
C GLY A 190 10.66 0.02 13.64
N ALA A 191 9.98 -1.10 13.39
CA ALA A 191 10.52 -2.42 13.62
C ALA A 191 10.90 -3.09 12.30
N ARG A 192 12.18 -3.03 11.96
CA ARG A 192 12.63 -3.61 10.71
C ARG A 192 12.55 -5.13 10.75
N LEU A 193 11.99 -5.70 9.69
CA LEU A 193 12.00 -7.14 9.48
C LEU A 193 13.23 -7.56 8.67
N TRP A 194 13.84 -6.62 7.96
CA TRP A 194 14.93 -6.91 7.04
C TRP A 194 15.54 -5.57 6.63
N LYS A 195 16.69 -5.66 5.98
CA LYS A 195 17.38 -4.50 5.44
C LYS A 195 18.01 -4.93 4.13
N VAL A 196 17.88 -4.09 3.11
CA VAL A 196 18.41 -4.38 1.78
C VAL A 196 19.56 -3.42 1.52
N ASN A 197 20.75 -3.98 1.29
CA ASN A 197 21.94 -3.19 0.98
C ASN A 197 22.13 -3.04 -0.52
N SER A 198 21.83 -4.07 -1.29
CA SER A 198 21.93 -4.02 -2.75
C SER A 198 20.98 -5.08 -3.28
N VAL A 199 20.82 -5.13 -4.60
CA VAL A 199 19.87 -6.06 -5.18
C VAL A 199 20.18 -7.51 -4.80
N ASP A 200 21.44 -7.82 -4.46
CA ASP A 200 21.84 -9.19 -4.14
C ASP A 200 22.41 -9.35 -2.73
N ASP A 201 22.05 -8.47 -1.79
CA ASP A 201 22.67 -8.44 -0.47
C ASP A 201 21.63 -7.97 0.55
N VAL A 202 21.14 -8.90 1.36
CA VAL A 202 20.05 -8.60 2.28
C VAL A 202 20.34 -9.17 3.65
N GLU A 203 19.70 -8.57 4.65
CA GLU A 203 19.83 -8.94 6.04
C GLU A 203 18.43 -9.16 6.57
N LEU A 204 18.17 -10.30 7.19
CA LEU A 204 16.87 -10.61 7.77
C LEU A 204 16.98 -10.48 9.29
N THR A 205 16.02 -9.77 9.87
CA THR A 205 15.95 -9.52 11.30
C THR A 205 14.54 -9.75 11.82
N MET A 206 13.99 -10.92 11.47
CA MET A 206 12.60 -11.25 11.74
C MET A 206 12.38 -11.83 13.12
N ASN A 207 13.45 -12.12 13.85
CA ASN A 207 13.39 -12.80 15.14
C ASN A 207 14.31 -12.14 16.16
N SER A 208 14.45 -10.82 16.08
CA SER A 208 15.34 -10.11 16.99
C SER A 208 14.90 -8.66 17.08
N GLY A 209 15.48 -7.95 18.04
CA GLY A 209 15.34 -6.52 18.09
C GLY A 209 13.89 -6.09 18.25
N LYS A 210 13.58 -4.95 17.65
CA LYS A 210 12.25 -4.38 17.78
C LYS A 210 11.20 -5.25 17.12
N ALA A 211 11.53 -5.93 16.03
CA ALA A 211 10.57 -6.81 15.38
C ALA A 211 10.11 -7.89 16.35
N LYS A 212 11.04 -8.54 17.04
CA LYS A 212 10.65 -9.61 17.96
C LYS A 212 9.79 -9.07 19.08
N GLU A 213 10.13 -7.90 19.62
CA GLU A 213 9.32 -7.32 20.68
C GLU A 213 7.90 -7.06 20.19
N PHE A 214 7.75 -6.55 18.97
CA PHE A 214 6.42 -6.29 18.45
C PHE A 214 5.68 -7.59 18.18
N THR A 215 6.36 -8.61 17.65
CA THR A 215 5.69 -9.90 17.45
C THR A 215 5.20 -10.47 18.77
N GLU A 216 6.01 -10.38 19.80
CA GLU A 216 5.58 -10.84 21.13
C GLU A 216 4.33 -10.10 21.58
N PHE A 217 4.30 -8.79 21.34
CA PHE A 217 3.12 -8.01 21.69
C PHE A 217 1.89 -8.41 20.89
N LEU A 218 2.06 -8.62 19.58
CA LEU A 218 0.92 -9.04 18.77
C LEU A 218 0.41 -10.40 19.23
N GLN A 219 1.31 -11.32 19.54
CA GLN A 219 0.85 -12.63 20.01
CA GLN A 219 0.86 -12.63 20.01
C GLN A 219 0.09 -12.50 21.32
N LYS A 220 0.55 -11.62 22.22
CA LYS A 220 -0.17 -11.41 23.46
C LYS A 220 -1.56 -10.84 23.19
N CYS A 221 -1.67 -9.92 22.23
CA CYS A 221 -2.97 -9.40 21.83
C CYS A 221 -3.88 -10.49 21.32
N LEU A 222 -3.35 -11.38 20.48
CA LEU A 222 -4.16 -12.50 20.00
C LEU A 222 -4.58 -13.40 21.15
N LYS A 223 -3.64 -13.75 22.02
CA LYS A 223 -3.90 -14.68 23.10
C LYS A 223 -4.97 -14.15 24.04
N ASP A 224 -4.99 -12.85 24.29
CA ASP A 224 -5.83 -12.24 25.33
C ASP A 224 -7.11 -11.65 24.75
N GLY A 225 -7.34 -11.74 23.44
CA GLY A 225 -8.59 -11.28 22.87
C GLY A 225 -8.67 -9.83 22.51
N VAL A 226 -7.51 -9.14 22.39
CA VAL A 226 -7.47 -7.74 21.96
C VAL A 226 -7.59 -7.64 20.45
N LEU A 227 -6.88 -8.49 19.74
CA LEU A 227 -6.96 -8.57 18.29
C LEU A 227 -7.48 -9.95 17.93
N GLU A 228 -8.26 -10.01 16.86
CA GLU A 228 -8.68 -11.28 16.28
C GLU A 228 -7.92 -11.48 14.98
N GLY A 229 -7.31 -12.65 14.81
CA GLY A 229 -6.71 -12.96 13.54
C GLY A 229 -7.80 -13.25 12.51
N GLY A 230 -7.63 -12.70 11.31
CA GLY A 230 -8.61 -12.95 10.27
C GLY A 230 -8.18 -12.32 8.97
N THR A 231 -8.91 -12.66 7.92
CA THR A 231 -8.59 -12.10 6.62
C THR A 231 -9.12 -10.68 6.49
N VAL A 232 -8.51 -9.93 5.60
CA VAL A 232 -8.99 -8.60 5.24
C VAL A 232 -9.43 -8.59 3.78
N PHE A 233 -10.45 -7.77 3.48
CA PHE A 233 -10.92 -7.57 2.11
C PHE A 233 -11.41 -8.88 1.50
N THR A 234 -12.05 -9.68 2.34
CA THR A 234 -12.78 -10.88 1.98
C THR A 234 -14.24 -10.70 2.42
N ASP A 235 -15.10 -11.64 2.02
CA ASP A 235 -16.49 -11.57 2.47
C ASP A 235 -16.58 -11.64 3.99
N GLU A 236 -15.69 -12.41 4.62
CA GLU A 236 -15.70 -12.49 6.08
C GLU A 236 -15.42 -11.13 6.69
N PHE A 237 -14.40 -10.46 6.17
CA PHE A 237 -14.07 -9.13 6.62
C PHE A 237 -15.19 -8.15 6.33
N ASN A 238 -15.78 -8.22 5.14
CA ASN A 238 -16.82 -7.27 4.79
C ASN A 238 -18.00 -7.37 5.73
N ARG A 239 -18.40 -8.58 6.09
CA ARG A 239 -19.46 -8.75 7.07
C ARG A 239 -19.07 -8.16 8.42
N SER A 240 -17.85 -8.48 8.88
CA SER A 240 -17.40 -8.00 10.19
C SER A 240 -17.36 -6.49 10.24
N ILE A 241 -16.84 -5.86 9.20
CA ILE A 241 -16.64 -4.41 9.26
C ILE A 241 -17.98 -3.71 9.11
N ASN A 242 -18.94 -4.35 8.47
CA ASN A 242 -20.29 -3.82 8.46
C ASN A 242 -21.00 -4.01 9.79
N ASP A 243 -20.73 -5.11 10.50
CA ASP A 243 -21.42 -5.48 11.72
C ASP A 243 -20.77 -4.85 12.97
N GLY A 244 -19.66 -4.15 12.82
CA GLY A 244 -19.00 -3.57 13.98
C GLY A 244 -18.22 -4.56 14.82
N ARG A 245 -17.61 -5.57 14.21
CA ARG A 245 -16.86 -6.55 14.98
C ARG A 245 -15.57 -5.95 15.52
N TYR A 246 -15.04 -4.92 14.86
CA TYR A 246 -13.74 -4.34 15.18
C TYR A 246 -13.89 -2.88 15.55
N ALA A 247 -13.51 -2.53 16.79
CA ALA A 247 -13.66 -1.13 17.20
C ALA A 247 -12.66 -0.23 16.50
N THR A 248 -11.55 -0.78 16.06
CA THR A 248 -10.50 -0.06 15.37
C THR A 248 -10.05 -0.90 14.18
N PHE A 249 -9.62 -0.21 13.14
CA PHE A 249 -9.07 -0.85 11.94
C PHE A 249 -7.95 0.06 11.45
N ILE A 250 -6.71 -0.41 11.57
CA ILE A 250 -5.51 0.36 11.24
C ILE A 250 -5.09 -0.05 9.84
N ASN A 251 -5.31 0.82 8.86
CA ASN A 251 -5.12 0.40 7.48
C ASN A 251 -4.73 1.57 6.60
N GLU A 252 -4.08 1.23 5.49
CA GLU A 252 -3.89 2.17 4.40
C GLU A 252 -5.17 2.98 4.14
N ASN A 253 -4.98 4.27 3.90
CA ASN A 253 -6.08 5.22 3.93
C ASN A 253 -6.97 5.22 2.70
N TRP A 254 -6.70 4.43 1.67
CA TRP A 254 -7.73 4.27 0.65
C TRP A 254 -8.98 3.62 1.23
N MET A 255 -8.86 2.95 2.37
CA MET A 255 -10.05 2.37 3.00
C MET A 255 -11.06 3.44 3.37
N GLY A 256 -10.62 4.67 3.60
CA GLY A 256 -11.54 5.74 3.92
C GLY A 256 -12.58 5.94 2.83
N ASN A 257 -12.15 5.80 1.58
CA ASN A 257 -13.07 5.89 0.45
C ASN A 257 -13.90 4.62 0.32
N THR A 258 -13.31 3.45 0.61
CA THR A 258 -14.04 2.20 0.52
C THR A 258 -15.25 2.21 1.42
N TYR A 259 -15.11 2.72 2.66
CA TYR A 259 -16.24 2.75 3.56
C TYR A 259 -17.37 3.60 3.00
N LYS A 260 -17.04 4.74 2.41
CA LYS A 260 -18.07 5.61 1.83
C LYS A 260 -18.82 4.88 0.71
N GLU A 261 -18.13 4.03 -0.04
CA GLU A 261 -18.70 3.35 -1.20
C GLU A 261 -19.46 2.09 -0.84
N GLN A 262 -19.04 1.39 0.22
CA GLN A 262 -19.59 0.07 0.51
C GLN A 262 -20.39 0.01 1.80
N ASN A 263 -20.26 1.01 2.69
CA ASN A 263 -20.84 0.94 4.02
C ASN A 263 -21.64 2.20 4.38
N PRO A 264 -22.69 2.51 3.62
CA PRO A 264 -23.50 3.69 3.94
C PRO A 264 -24.11 3.67 5.33
N SER A 265 -24.41 2.50 5.86
CA SER A 265 -25.04 2.38 7.19
C SER A 265 -24.11 2.83 8.30
N LEU A 266 -22.82 3.03 8.02
CA LEU A 266 -21.89 3.47 9.06
C LEU A 266 -21.72 4.98 9.10
N LYS A 267 -22.49 5.73 8.30
CA LYS A 267 -22.44 7.18 8.33
C LYS A 267 -22.57 7.72 9.76
N GLY A 268 -21.65 8.62 10.12
CA GLY A 268 -21.65 9.26 11.42
C GLY A 268 -21.04 8.46 12.55
N LYS A 269 -20.71 7.18 12.33
CA LYS A 269 -20.29 6.33 13.45
C LYS A 269 -18.80 6.25 13.64
N MET A 270 -17.99 6.56 12.64
CA MET A 270 -16.55 6.44 12.73
C MET A 270 -15.84 7.78 12.82
N VAL A 271 -14.76 7.79 13.60
CA VAL A 271 -13.75 8.84 13.57
CA VAL A 271 -13.76 8.84 13.57
C VAL A 271 -12.52 8.27 12.86
N VAL A 272 -11.85 9.11 12.09
CA VAL A 272 -10.57 8.77 11.49
C VAL A 272 -9.51 9.39 12.38
N ALA A 273 -8.62 8.56 12.93
CA ALA A 273 -7.62 8.98 13.90
C ALA A 273 -6.22 8.54 13.46
N ALA A 274 -5.23 9.15 14.10
CA ALA A 274 -3.85 8.77 13.83
C ALA A 274 -3.63 7.31 14.18
N PRO A 275 -2.75 6.62 13.45
CA PRO A 275 -2.35 5.27 13.85
C PRO A 275 -1.55 5.31 15.14
N PRO A 276 -1.47 4.18 15.85
CA PRO A 276 -0.98 4.22 17.23
C PRO A 276 0.53 4.32 17.36
N SER A 277 0.93 4.97 18.46
CA SER A 277 2.32 4.99 18.89
C SER A 277 2.67 3.68 19.61
N TRP A 278 3.96 3.49 19.85
CA TRP A 278 4.50 2.28 20.47
C TRP A 278 5.58 2.67 21.44
N LYS A 279 5.45 2.20 22.69
CA LYS A 279 6.47 2.37 23.73
C LYS A 279 6.84 3.83 23.96
N GLY A 280 5.86 4.71 23.93
CA GLY A 280 6.20 6.12 24.13
C GLY A 280 7.23 6.72 23.16
N GLN A 281 7.41 6.14 21.99
CA GLN A 281 7.96 6.83 20.84
C GLN A 281 6.85 7.66 20.20
N PRO A 282 7.15 8.77 19.55
CA PRO A 282 6.14 9.42 18.70
C PRO A 282 5.64 8.41 17.68
N TYR A 283 4.36 8.52 17.32
CA TYR A 283 3.81 7.57 16.36
C TYR A 283 4.48 7.74 15.01
N GLN A 284 4.61 6.63 14.31
CA GLN A 284 5.09 6.58 12.93
C GLN A 284 4.02 5.91 12.08
N SER A 285 4.27 5.87 10.77
CA SER A 285 3.26 5.41 9.83
C SER A 285 3.96 4.63 8.72
N SER A 286 3.17 4.26 7.72
CA SER A 286 3.64 3.53 6.56
C SER A 286 2.83 4.04 5.38
N SER A 287 3.45 4.08 4.20
CA SER A 287 2.74 4.41 2.96
C SER A 287 3.30 3.50 1.89
N VAL A 288 2.40 2.91 1.11
CA VAL A 288 2.76 1.98 0.05
C VAL A 288 2.23 2.59 -1.25
N GLY A 289 1.00 2.26 -1.59
CA GLY A 289 0.34 2.86 -2.73
C GLY A 289 0.64 2.14 -4.04
N SER A 290 -0.19 2.44 -5.02
CA SER A 290 0.00 1.95 -6.36
C SER A 290 1.01 2.82 -7.10
N MET A 291 1.42 2.30 -8.24
CA MET A 291 2.29 2.99 -9.18
C MET A 291 1.91 2.48 -10.55
N MET A 292 2.21 3.25 -11.59
CA MET A 292 1.97 2.79 -12.94
C MET A 292 3.34 2.58 -13.57
N SER A 293 3.54 1.39 -14.10
CA SER A 293 4.81 0.95 -14.66
C SER A 293 4.67 0.60 -16.14
N VAL A 294 5.80 0.60 -16.83
CA VAL A 294 5.87 0.20 -18.23
C VAL A 294 6.52 -1.16 -18.29
N SER A 295 5.98 -2.07 -19.10
CA SER A 295 6.60 -3.38 -19.19
C SER A 295 7.93 -3.28 -19.93
N ALA A 296 8.87 -4.15 -19.56
CA ALA A 296 10.10 -4.26 -20.34
C ALA A 296 9.81 -4.60 -21.79
N ALA A 297 8.71 -5.30 -22.04
CA ALA A 297 8.35 -5.70 -23.40
C ALA A 297 7.73 -4.58 -24.22
N CYS A 298 7.39 -3.45 -23.61
CA CYS A 298 6.78 -2.35 -24.34
C CYS A 298 7.64 -1.99 -25.55
N PRO A 299 7.08 -1.99 -26.76
CA PRO A 299 7.88 -1.71 -27.95
C PRO A 299 8.56 -0.35 -27.83
N LYS A 300 9.80 -0.28 -28.35
CA LYS A 300 10.59 0.93 -28.16
C LYS A 300 9.86 2.16 -28.66
N GLU A 301 9.13 2.03 -29.76
CA GLU A 301 8.45 3.18 -30.34
C GLU A 301 7.17 3.55 -29.60
N LYS A 302 6.74 2.77 -28.60
CA LYS A 302 5.62 3.14 -27.75
C LYS A 302 6.05 3.64 -26.36
N GLN A 303 7.33 3.54 -26.04
CA GLN A 303 7.78 3.81 -24.67
C GLN A 303 7.57 5.26 -24.27
N ALA A 304 7.84 6.22 -25.16
CA ALA A 304 7.64 7.61 -24.78
C ALA A 304 6.18 7.88 -24.47
N ALA A 305 5.25 7.33 -25.27
CA ALA A 305 3.84 7.54 -25.01
C ALA A 305 3.39 6.81 -23.73
N ALA A 306 3.92 5.61 -23.50
CA ALA A 306 3.62 4.89 -22.26
C ALA A 306 4.06 5.71 -21.03
N LEU A 307 5.27 6.27 -21.09
CA LEU A 307 5.73 7.11 -19.99
C LEU A 307 4.91 8.38 -19.88
N ALA A 308 4.53 8.96 -21.03
CA ALA A 308 3.70 10.16 -20.98
C ALA A 308 2.36 9.87 -20.31
N PHE A 309 1.77 8.72 -20.64
CA PHE A 309 0.51 8.32 -20.01
C PHE A 309 0.67 8.14 -18.51
N ILE A 310 1.68 7.40 -18.07
CA ILE A 310 1.80 7.17 -16.62
C ILE A 310 2.04 8.49 -15.88
N ASN A 311 2.82 9.39 -16.47
CA ASN A 311 3.07 10.66 -15.80
C ASN A 311 1.84 11.55 -15.80
N TRP A 312 1.09 11.57 -16.89
CA TRP A 312 -0.11 12.40 -16.94
C TRP A 312 -1.13 11.91 -15.92
N LEU A 313 -1.40 10.61 -15.93
CA LEU A 313 -2.42 10.04 -15.06
C LEU A 313 -2.12 10.30 -13.61
N ASP A 314 -0.85 10.34 -13.26
CA ASP A 314 -0.40 10.36 -11.88
C ASP A 314 0.08 11.73 -11.42
N SER A 315 0.09 12.75 -12.30
CA SER A 315 0.54 14.06 -11.85
C SER A 315 -0.06 15.27 -12.56
N ASP A 316 -0.71 15.12 -13.71
CA ASP A 316 -1.28 16.29 -14.36
C ASP A 316 -2.31 16.92 -13.44
N LYS A 317 -2.33 18.25 -13.35
CA LYS A 317 -3.26 18.89 -12.41
C LYS A 317 -4.70 18.53 -12.73
N ASP A 318 -5.06 18.45 -14.01
CA ASP A 318 -6.42 18.05 -14.37
C ASP A 318 -6.70 16.61 -13.94
N ALA A 319 -5.71 15.74 -14.15
CA ALA A 319 -5.86 14.35 -13.71
C ALA A 319 -6.05 14.26 -12.20
N ILE A 320 -5.24 15.00 -11.44
CA ILE A 320 -5.35 14.95 -9.98
C ILE A 320 -6.73 15.41 -9.53
N GLN A 321 -7.26 16.46 -10.16
CA GLN A 321 -8.61 16.90 -9.85
C GLN A 321 -9.64 15.84 -10.20
N SER A 322 -9.47 15.17 -11.35
CA SER A 322 -10.36 14.07 -11.71
C SER A 322 -10.34 12.95 -10.67
N TRP A 323 -9.15 12.62 -10.16
CA TRP A 323 -9.06 11.62 -9.10
C TRP A 323 -9.93 12.00 -7.90
N GLN A 324 -10.00 13.30 -7.59
CA GLN A 324 -10.84 13.74 -6.48
C GLN A 324 -12.32 13.63 -6.85
N ASP A 325 -12.67 14.21 -8.00
CA ASP A 325 -14.08 14.36 -8.36
C ASP A 325 -14.75 13.03 -8.57
N THR A 326 -14.00 12.03 -9.04
CA THR A 326 -14.55 10.73 -9.34
C THR A 326 -14.41 9.73 -8.20
N ASN A 327 -13.87 10.15 -7.05
CA ASN A 327 -13.76 9.30 -5.87
C ASN A 327 -14.27 10.06 -4.64
N ASN A 328 -15.53 10.49 -4.70
CA ASN A 328 -16.22 11.06 -3.53
C ASN A 328 -15.55 12.32 -2.99
N GLY A 329 -14.84 13.05 -3.85
CA GLY A 329 -14.19 14.27 -3.46
C GLY A 329 -12.82 14.14 -2.86
N ASN A 330 -12.26 12.92 -2.76
CA ASN A 330 -10.90 12.83 -2.26
C ASN A 330 -10.25 11.53 -2.68
N PHE A 331 -9.02 11.62 -3.17
CA PHE A 331 -8.15 10.48 -3.31
C PHE A 331 -6.75 10.97 -3.02
N PHE A 332 -6.01 10.25 -2.18
CA PHE A 332 -4.78 10.74 -1.55
C PHE A 332 -3.60 10.51 -2.48
N MET A 333 -3.30 11.51 -3.31
CA MET A 333 -2.35 11.33 -4.41
C MET A 333 -0.94 11.73 -4.00
N ALA A 334 0.03 10.97 -4.52
CA ALA A 334 1.44 11.23 -4.23
C ALA A 334 1.98 12.48 -4.92
N ALA A 335 1.31 12.93 -5.97
CA ALA A 335 1.80 14.08 -6.72
C ALA A 335 1.96 15.28 -5.80
N SER A 336 3.04 16.02 -6.00
CA SER A 336 3.28 17.22 -5.21
C SER A 336 2.17 18.25 -5.36
N VAL A 337 1.50 18.32 -6.52
CA VAL A 337 0.41 19.29 -6.65
C VAL A 337 -0.71 19.01 -5.65
N TYR A 338 -0.83 17.76 -5.18
CA TYR A 338 -1.75 17.41 -4.10
C TYR A 338 -1.07 17.56 -2.74
N GLN A 339 0.11 16.95 -2.58
CA GLN A 339 0.75 16.87 -1.28
C GLN A 339 1.19 18.22 -0.76
N ASP A 340 1.51 19.17 -1.65
CA ASP A 340 2.04 20.46 -1.22
C ASP A 340 0.95 21.51 -1.13
N ASP A 341 -0.30 21.14 -1.36
CA ASP A 341 -1.43 22.08 -1.38
C ASP A 341 -2.03 22.13 0.03
N GLU A 342 -1.86 23.26 0.71
CA GLU A 342 -2.38 23.39 2.06
C GLU A 342 -3.89 23.24 2.10
N ASN A 343 -4.58 23.50 1.00
CA ASN A 343 -6.02 23.32 0.97
C ASN A 343 -6.43 21.86 0.83
N GLN A 344 -5.55 20.98 0.34
CA GLN A 344 -5.82 19.55 0.51
C GLN A 344 -5.61 19.15 1.97
N ARG A 345 -4.53 19.62 2.60
CA ARG A 345 -4.28 19.26 3.99
C ARG A 345 -5.42 19.70 4.89
N ASN A 346 -5.96 20.89 4.65
CA ASN A 346 -7.04 21.44 5.47
C ASN A 346 -8.42 21.22 4.86
N LYS A 347 -8.54 20.36 3.85
CA LYS A 347 -9.82 20.13 3.19
C LYS A 347 -10.79 19.51 4.18
N LYS A 348 -11.99 20.09 4.25
CA LYS A 348 -13.00 19.64 5.20
C LYS A 348 -13.94 18.64 4.53
N GLU A 349 -14.34 17.63 5.30
CA GLU A 349 -15.38 16.73 4.83
C GLU A 349 -16.68 17.51 4.71
N THR A 350 -17.45 17.20 3.70
CA THR A 350 -18.74 17.85 3.48
C THR A 350 -19.90 16.88 3.45
N ASP A 351 -19.66 15.57 3.46
CA ASP A 351 -20.73 14.61 3.25
C ASP A 351 -21.28 14.01 4.53
N GLY A 352 -20.76 14.41 5.69
CA GLY A 352 -21.23 13.91 6.98
C GLY A 352 -20.89 12.47 7.30
N TYR A 353 -20.04 11.82 6.50
CA TYR A 353 -19.80 10.39 6.69
C TYR A 353 -19.00 10.12 7.96
N TYR A 354 -17.85 10.77 8.12
CA TYR A 354 -17.05 10.60 9.32
C TYR A 354 -17.48 11.59 10.38
N ALA A 355 -17.36 11.19 11.65
CA ALA A 355 -17.77 12.06 12.75
C ALA A 355 -16.85 13.25 12.93
N ASN A 356 -15.60 13.17 12.49
CA ASN A 356 -14.68 14.30 12.43
C ASN A 356 -14.57 14.78 11.00
N ASP A 357 -14.54 16.10 10.80
CA ASP A 357 -14.50 16.66 9.46
C ASP A 357 -13.08 17.00 8.98
N ASP A 358 -12.06 16.74 9.80
CA ASP A 358 -10.66 17.02 9.50
C ASP A 358 -9.90 15.76 9.10
N VAL A 359 -10.59 14.89 8.35
CA VAL A 359 -10.02 13.59 7.97
C VAL A 359 -8.72 13.78 7.18
N ASN A 360 -8.71 14.68 6.20
CA ASN A 360 -7.48 14.85 5.41
C ASN A 360 -6.33 15.36 6.27
N ALA A 361 -6.61 16.16 7.31
CA ALA A 361 -5.53 16.62 8.17
C ALA A 361 -4.90 15.44 8.93
N VAL A 362 -5.73 14.47 9.33
CA VAL A 362 -5.23 13.24 9.95
C VAL A 362 -4.38 12.46 8.94
N TYR A 363 -4.88 12.31 7.71
CA TYR A 363 -4.11 11.62 6.68
C TYR A 363 -2.77 12.30 6.43
N PHE A 364 -2.77 13.63 6.34
CA PHE A 364 -1.53 14.34 6.07
C PHE A 364 -0.55 14.25 7.23
N ASP A 365 -1.03 14.32 8.47
CA ASP A 365 -0.11 14.17 9.59
C ASP A 365 0.51 12.77 9.57
N SER A 366 -0.30 11.76 9.26
CA SER A 366 0.22 10.40 9.16
C SER A 366 1.26 10.28 8.03
N MET A 367 0.98 10.90 6.89
CA MET A 367 1.96 10.90 5.80
C MET A 367 3.27 11.53 6.25
N ASP A 368 3.19 12.64 7.00
CA ASP A 368 4.40 13.30 7.48
C ASP A 368 5.22 12.39 8.38
N LYS A 369 4.57 11.43 9.04
CA LYS A 369 5.24 10.56 9.99
C LYS A 369 5.55 9.16 9.42
N VAL A 370 5.40 8.97 8.11
CA VAL A 370 5.75 7.70 7.50
C VAL A 370 7.18 7.35 7.83
N ASN A 371 7.38 6.10 8.22
CA ASN A 371 8.71 5.55 8.42
C ASN A 371 9.35 5.26 7.08
N THR A 372 10.32 6.09 6.69
CA THR A 372 11.05 5.89 5.45
C THR A 372 12.29 5.03 5.63
N ASP A 373 12.57 4.61 6.86
CA ASP A 373 13.75 3.79 7.16
C ASP A 373 13.40 2.32 6.94
N TRP A 374 13.21 1.99 5.66
CA TRP A 374 12.59 0.73 5.31
C TRP A 374 12.86 0.46 3.84
N GLU A 375 13.08 -0.81 3.51
CA GLU A 375 13.09 -1.27 2.14
C GLU A 375 12.28 -2.56 2.10
N TYR A 376 11.68 -2.84 0.95
CA TYR A 376 11.08 -4.16 0.69
C TYR A 376 12.13 -5.05 0.08
N LEU A 377 12.02 -6.35 0.34
CA LEU A 377 12.99 -7.31 -0.18
C LEU A 377 12.86 -7.46 -1.68
N PRO A 378 13.92 -7.92 -2.34
CA PRO A 378 13.84 -8.09 -3.80
C PRO A 378 12.83 -9.13 -4.21
N PHE A 379 12.48 -10.06 -3.32
CA PHE A 379 11.59 -11.18 -3.65
C PHE A 379 10.30 -11.09 -2.84
N MET A 380 9.58 -9.95 -2.93
CA MET A 380 8.37 -9.77 -2.14
C MET A 380 7.27 -10.75 -2.51
N SER A 381 7.23 -11.27 -3.74
CA SER A 381 6.23 -12.28 -4.06
C SER A 381 6.48 -13.55 -3.23
N GLN A 382 7.75 -13.97 -3.13
CA GLN A 382 8.08 -15.12 -2.29
C GLN A 382 7.82 -14.83 -0.83
N VAL A 383 8.08 -13.59 -0.38
CA VAL A 383 7.76 -13.25 1.00
C VAL A 383 6.29 -13.52 1.28
N GLU A 384 5.41 -13.11 0.36
CA GLU A 384 3.99 -13.31 0.56
C GLU A 384 3.63 -14.78 0.60
N VAL A 385 4.28 -15.60 -0.23
CA VAL A 385 4.07 -17.05 -0.19
C VAL A 385 4.43 -17.60 1.18
N VAL A 386 5.63 -17.26 1.66
CA VAL A 386 6.06 -17.78 2.96
C VAL A 386 5.16 -17.27 4.08
N PHE A 387 4.77 -16.00 4.02
CA PHE A 387 3.84 -15.43 4.99
C PHE A 387 2.55 -16.25 5.05
N ASN A 388 1.98 -16.57 3.88
CA ASN A 388 0.74 -17.34 3.85
C ASN A 388 0.96 -18.74 4.39
N ASP A 389 2.07 -19.35 4.07
CA ASP A 389 2.27 -20.75 4.46
C ASP A 389 2.70 -20.91 5.91
N VAL A 390 3.40 -19.94 6.49
CA VAL A 390 4.10 -20.12 7.74
C VAL A 390 3.55 -19.20 8.84
N ILE A 391 3.24 -17.95 8.51
CA ILE A 391 2.85 -16.99 9.54
C ILE A 391 1.35 -16.95 9.71
N VAL A 392 0.59 -16.83 8.61
CA VAL A 392 -0.85 -16.75 8.69
C VAL A 392 -1.47 -17.85 9.56
N PRO A 393 -1.08 -19.11 9.47
CA PRO A 393 -1.73 -20.16 10.29
C PRO A 393 -1.59 -19.95 11.77
N GLU A 394 -0.65 -19.15 12.23
CA GLU A 394 -0.44 -18.88 13.65
C GLU A 394 -1.17 -17.63 14.13
N MET A 395 -1.94 -16.97 13.27
CA MET A 395 -2.65 -15.76 13.67
C MET A 395 -3.98 -16.10 14.31
N ASN A 396 -3.88 -16.68 15.49
CA ASN A 396 -5.06 -17.08 16.23
C ASN A 396 -4.75 -17.01 17.72
N GLU A 397 -5.78 -17.23 18.56
CA GLU A 397 -5.69 -17.02 20.00
CA GLU A 397 -5.67 -17.03 19.99
C GLU A 397 -4.74 -18.02 20.67
N ASN A 398 -4.42 -19.14 20.02
CA ASN A 398 -3.48 -20.10 20.58
C ASN A 398 -2.22 -20.22 19.75
N GLY A 399 -1.93 -19.20 18.99
CA GLY A 399 -0.86 -19.29 18.02
C GLY A 399 0.51 -19.02 18.58
N ASP A 400 1.50 -19.27 17.75
CA ASP A 400 2.87 -18.95 18.09
C ASP A 400 3.47 -18.14 16.95
N LEU A 401 3.10 -16.87 16.89
CA LEU A 401 3.64 -15.97 15.89
C LEU A 401 5.13 -15.80 16.04
N VAL A 402 5.64 -15.81 17.28
CA VAL A 402 7.08 -15.67 17.48
C VAL A 402 7.82 -16.81 16.78
N GLY A 403 7.42 -18.05 17.06
CA GLY A 403 8.08 -19.18 16.40
C GLY A 403 7.89 -19.16 14.91
N ALA A 404 6.71 -18.71 14.46
CA ALA A 404 6.45 -18.66 13.03
C ALA A 404 7.36 -17.69 12.31
N MET A 405 7.62 -16.53 12.92
CA MET A 405 8.52 -15.57 12.29
C MET A 405 9.91 -16.15 12.12
N ALA A 406 10.38 -16.90 13.10
CA ALA A 406 11.69 -17.52 12.98
C ALA A 406 11.70 -18.57 11.88
N LYS A 407 10.64 -19.38 11.77
CA LYS A 407 10.59 -20.37 10.70
C LYS A 407 10.47 -19.71 9.33
N ALA A 408 9.71 -18.61 9.25
CA ALA A 408 9.60 -17.92 7.97
C ALA A 408 10.95 -17.35 7.53
N GLN A 409 11.70 -16.81 8.49
CA GLN A 409 13.04 -16.32 8.20
C GLN A 409 13.94 -17.41 7.65
N GLN A 410 13.87 -18.62 8.23
CA GLN A 410 14.67 -19.73 7.73
C GLN A 410 14.32 -20.05 6.28
N LYS A 411 13.02 -20.05 5.97
CA LYS A 411 12.59 -20.33 4.61
C LYS A 411 13.07 -19.26 3.64
N LEU A 412 12.97 -17.99 4.05
CA LEU A 412 13.42 -16.91 3.18
C LEU A 412 14.94 -16.92 3.02
N LYS A 413 15.68 -17.32 4.06
CA LYS A 413 17.13 -17.44 3.92
C LYS A 413 17.48 -18.50 2.89
N ALA A 414 16.80 -19.65 2.94
CA ALA A 414 17.08 -20.72 1.98
C ALA A 414 16.73 -20.27 0.57
N TYR A 415 15.59 -19.61 0.40
CA TYR A 415 15.22 -19.09 -0.90
C TYR A 415 16.26 -18.10 -1.42
N ALA A 416 16.69 -17.17 -0.56
CA ALA A 416 17.69 -16.18 -0.96
C ALA A 416 18.97 -16.87 -1.40
N GLU A 417 19.47 -17.81 -0.60
CA GLU A 417 20.68 -18.54 -0.94
C GLU A 417 20.53 -19.30 -2.25
N ASP A 418 19.38 -19.97 -2.44
CA ASP A 418 19.15 -20.75 -3.65
C ASP A 418 19.10 -19.88 -4.90
N ASN A 419 18.78 -18.60 -4.76
CA ASN A 419 18.64 -17.71 -5.90
C ASN A 419 19.77 -16.70 -6.02
N GLY A 420 20.88 -16.93 -5.33
CA GLY A 420 22.08 -16.16 -5.57
C GLY A 420 22.21 -14.88 -4.78
N PHE A 421 21.35 -14.67 -3.78
CA PHE A 421 21.47 -13.52 -2.91
C PHE A 421 22.45 -13.84 -1.78
N LYS A 422 23.30 -12.86 -1.44
CA LYS A 422 23.98 -12.88 -0.17
C LYS A 422 22.96 -12.55 0.92
N VAL A 423 22.93 -13.35 1.98
CA VAL A 423 21.92 -13.18 3.03
C VAL A 423 22.53 -13.47 4.39
N THR A 424 22.24 -12.61 5.36
CA THR A 424 22.49 -12.88 6.77
C THR A 424 21.14 -12.89 7.48
N THR A 425 21.06 -13.60 8.61
CA THR A 425 19.88 -13.51 9.45
C THR A 425 20.33 -13.39 10.91
N ASP A 426 19.40 -12.96 11.75
CA ASP A 426 19.67 -12.82 13.17
C ASP A 426 19.84 -14.16 13.87
N ALA A 427 19.63 -15.27 13.16
CA ALA A 427 19.82 -16.60 13.73
C ALA A 427 21.19 -17.19 13.42
N ASP A 428 22.01 -16.48 12.65
CA ASP A 428 23.28 -17.03 12.17
C ASP A 428 24.26 -17.17 13.32
C1 GLC B . -7.14 -6.12 -3.38
C2 GLC B . -7.83 -5.11 -4.28
C3 GLC B . -6.93 -3.91 -4.53
C4 GLC B . -6.38 -3.36 -3.23
C5 GLC B . -5.78 -4.47 -2.38
C6 GLC B . -5.29 -3.94 -1.04
O1 GLC B . -5.99 -6.65 -4.04
O2 GLC B . -8.17 -5.73 -5.54
O3 GLC B . -7.68 -2.88 -5.21
O4 GLC B . -5.37 -2.38 -3.51
O5 GLC B . -6.75 -5.49 -2.17
O6 GLC B . -4.24 -4.78 -0.54
H1 GLC B . -7.84 -6.94 -3.16
H2 GLC B . -8.74 -4.77 -3.79
H3 GLC B . -6.11 -4.22 -5.17
H4 GLC B . -7.19 -2.92 -2.66
H5 GLC B . -4.91 -4.87 -2.92
H61 GLC B . -6.13 -3.91 -0.33
H62 GLC B . -4.92 -2.92 -1.16
HO1 GLC B . -6.17 -6.56 -4.99
HO2 GLC B . -7.37 -5.76 -6.10
HO3 GLC B . -8.60 -3.19 -5.35
HO4 GLC B . -4.83 -2.74 -4.26
HO6 GLC B . -4.09 -5.52 -1.15
C1 GAL B . -5.49 -1.01 -3.14
C2 GAL B . -4.19 -0.32 -3.56
C3 GAL B . -4.34 1.16 -3.46
C4 GAL B . -5.67 1.64 -4.17
C5 GAL B . -6.89 0.83 -3.70
C6 GAL B . -8.20 1.17 -4.34
O2 GAL B . -3.21 -0.81 -2.67
O3 GAL B . -3.25 1.77 -4.06
O4 GAL B . -5.59 1.49 -5.61
O5 GAL B . -6.58 -0.54 -3.96
O6 GAL B . -9.25 0.55 -3.62
H1 GAL B . -5.71 -0.77 -2.06
H2 GAL B . -3.99 -0.60 -4.61
H3 GAL B . -4.39 1.44 -2.42
H4 GAL B . -5.84 2.69 -3.90
H5 GAL B . -6.98 0.96 -2.62
H61 GAL B . -8.23 0.75 -5.36
H62 GAL B . -8.31 2.25 -4.40
HO2 GAL B . -3.67 -0.91 -1.80
HO3 GAL B . -2.86 2.35 -3.40
HO4 GAL B . -5.63 2.40 -5.96
HO6 GAL B . -8.90 -0.28 -3.29
C1 FUC B . -1.91 -0.98 -3.20
C2 FUC B . -0.91 -0.97 -2.05
C3 FUC B . -1.15 -2.17 -1.15
C4 FUC B . -1.04 -3.47 -1.96
C5 FUC B . -2.02 -3.39 -3.12
C6 FUC B . -1.89 -4.56 -4.09
O2 FUC B . -1.00 0.20 -1.23
O3 FUC B . -0.20 -2.27 -0.08
O4 FUC B . 0.28 -3.70 -2.46
O5 FUC B . -1.79 -2.19 -3.94
H1 FUC B . -1.59 -0.19 -3.95
H2 FUC B . 0.10 -1.02 -2.45
H3 FUC B . -2.16 -2.11 -0.73
H4 FUC B . -1.36 -4.31 -1.31
H5 FUC B . -3.03 -3.35 -2.69
H61 FUC B . -2.64 -4.47 -4.89
H62 FUC B . -2.05 -5.50 -3.56
H63 FUC B . -0.90 -4.58 -4.54
HO2 FUC B . -1.52 0.84 -1.75
HO3 FUC B . -0.06 -1.37 0.23
HO4 FUC B . 0.87 -3.55 -1.70
C5 PG0 C . 10.89 -14.29 -9.98
O2 PG0 C . 9.74 -13.87 -10.68
C4 PG0 C . 8.95 -12.97 -9.96
C3 PG0 C . 7.50 -12.80 -10.37
O1 PG0 C . 6.75 -12.55 -9.20
C2 PG0 C . 5.41 -12.93 -9.27
C1 PG0 C . 5.26 -14.44 -9.24
OTT PG0 C . 3.91 -14.77 -9.52
H51 PG0 C . 11.23 -13.56 -9.44
H52 PG0 C . 10.66 -15.05 -9.41
H41 PG0 C . 8.92 -13.25 -9.05
H42 PG0 C . 9.37 -12.10 -10.02
H31 PG0 C . 7.19 -13.60 -10.82
H32 PG0 C . 7.44 -12.04 -10.96
H21 PG0 C . 5.02 -12.59 -10.10
H22 PG0 C . 4.93 -12.55 -8.52
H11 PG0 C . 5.47 -14.76 -8.36
H12 PG0 C . 5.84 -14.87 -9.88
HTT PG0 C . 3.40 -14.25 -9.09
C2 BGC D . -7.85 -5.05 -4.32
C3 BGC D . -6.94 -3.91 -4.57
C4 BGC D . -6.43 -3.45 -3.21
C5 BGC D . -5.75 -4.44 -2.31
C6 BGC D . -5.27 -3.89 -0.97
C1 BGC D . -7.17 -6.02 -3.33
O1 BGC D . -8.08 -7.00 -3.01
O2 BGC D . -8.11 -5.66 -5.56
O3 BGC D . -7.62 -2.88 -5.27
O4 BGC D . -5.31 -2.62 -3.63
O5 BGC D . -6.69 -5.48 -2.11
O6 BGC D . -4.22 -4.69 -0.52
H2 BGC D . -8.67 -4.73 -3.93
H3 BGC D . -6.19 -4.20 -5.09
H4 BGC D . -7.11 -2.94 -2.73
H5 BGC D . -4.99 -4.82 -2.78
H61 BGC D . -5.99 -3.91 -0.33
H62 BGC D . -4.95 -2.99 -1.08
H1 BGC D . -6.42 -6.43 -3.80
HO1 BGC D . -7.70 -7.76 -3.05
HO2 BGC D . -8.94 -5.72 -5.68
HO3 BGC D . -8.21 -3.24 -5.79
HO4 BGC D . -4.74 -3.11 -4.04
HO6 BGC D . -4.50 -5.18 0.13
ZN ZN E . 16.42 8.60 -8.69
ZN ZN F . -4.04 18.87 -17.63
ZN ZN G . -20.72 -3.45 23.12
ZN ZN H . -16.08 -16.37 2.64
ZN ZN I . -6.80 0.41 -28.87
O1 MES J . 4.10 -24.64 -1.32
C2 MES J . 3.07 -24.64 -0.32
C3 MES J . 1.93 -23.70 -0.66
N4 MES J . 2.37 -22.37 -1.11
C5 MES J . 3.40 -22.43 -2.13
C6 MES J . 4.53 -23.30 -1.58
C7 MES J . 1.20 -21.51 -1.37
C8 MES J . 1.51 -20.03 -1.08
S MES J . 0.22 -19.03 -1.43
O1S MES J . -0.83 -19.23 -0.40
O2S MES J . 0.65 -17.60 -1.39
O3S MES J . -0.36 -19.35 -2.76
H21 MES J . 3.51 -24.36 0.64
H22 MES J . 2.69 -25.66 -0.21
H31 MES J . 1.31 -24.15 -1.44
H32 MES J . 1.28 -23.58 0.23
HN4 MES J . 2.83 -21.95 -0.31
H51 MES J . 3.75 -21.44 -2.38
H52 MES J . 2.97 -22.88 -3.04
H61 MES J . 5.34 -23.33 -2.31
H62 MES J . 4.91 -22.85 -0.67
H71 MES J . 0.90 -21.62 -2.41
H72 MES J . 0.37 -21.83 -0.75
H81 MES J . 1.81 -19.91 -0.04
H82 MES J . 2.35 -19.74 -1.71
O1 MES K . 9.28 21.79 -3.52
C2 MES K . 9.05 21.61 -2.13
C3 MES K . 9.55 20.31 -1.47
N4 MES K . 10.45 19.63 -2.35
C5 MES K . 11.37 20.68 -2.86
C6 MES K . 10.70 21.64 -3.79
C7 MES K . 11.38 18.46 -1.92
C8 MES K . 10.47 17.64 -1.02
S MES K . 9.38 16.84 -2.03
O1S MES K . 8.62 15.95 -1.16
O2S MES K . 8.48 17.83 -2.66
O3S MES K . 10.13 16.09 -3.06
H21 MES K . 7.96 21.65 -1.99
H22 MES K . 9.47 22.45 -1.60
H31 MES K . 10.04 20.53 -0.53
H32 MES K . 8.69 19.66 -1.25
HN4 MES K . 9.91 19.29 -3.13
H51 MES K . 12.23 20.22 -3.35
H52 MES K . 11.73 21.25 -2.04
H61 MES K . 11.18 22.62 -3.69
H62 MES K . 10.85 21.31 -4.82
H71 MES K . 11.72 17.87 -2.78
H72 MES K . 12.26 18.82 -1.37
H81 MES K . 11.07 16.91 -0.49
H82 MES K . 9.96 18.23 -0.26
#